data_9E4V
#
_entry.id   9E4V
#
_cell.length_a   114.088
_cell.length_b   114.088
_cell.length_c   145.397
_cell.angle_alpha   90.000
_cell.angle_beta   90.000
_cell.angle_gamma   90.000
#
_symmetry.space_group_name_H-M   'P 41 21 2'
#
loop_
_entity.id
_entity.type
_entity.pdbx_description
1 polymer 'Phosphatidylinositol 3-kinase catalytic subunit type 3'
2 non-polymer '2-(N-MORPHOLINO)-ETHANESULFONIC ACID'
3 non-polymer 'TETRAETHYLENE GLYCOL'
4 non-polymer 'DIMETHYL SULFOXIDE'
5 non-polymer DI(HYDROXYETHYL)ETHER
6 non-polymer GLYCEROL
7 non-polymer 'CHLORIDE ION'
8 non-polymer 'POTASSIUM ION'
9 water water
#
_entity_poly.entity_id   1
_entity_poly.type   'polypeptide(L)'
_entity_poly.pdbx_seq_one_letter_code
;MGHHHHHHHHHHAATRDQLNIIVSYPPTKQLTYEEQDLVWKFRYYLTNQEKALTKFLKCVNWDLPQEAKQALELLGKWKP
MDVEDSLELLSSHYTNPTVRRYAVARLRQADDEDLLMYLLQLVQALKYENFDDIKNGLEPTKKDSQSSVSENVSNSGINS
AEIDSSQIITSPLPSVSSPPPASKTKEVPDGENLEQDLCTFLISRACKNSTLANYLYWYVIVECEDQDTQQRDPKTHEMY
LNVMRRFSQALLKGDKSVRVMRSLLAAQQTFVDRLVHLMKAVQRESGNRKKKNERLQALLGDNEKMNLSDVELIPLPLEP
QVKIRGIIPETATLFKSALMPAQLFFKTEDGGKYPVIFKHGDDLRQDQLILQIISLMDKLLRKENLDLKLTPYKVLATST
KHGFMQFIQSVPVAEVLDTEGSIQNFFRKYAPSENGPNGISAEVMDTYVKSCAGYCVITYILGVGDRHLDNLLLTKTGKL
FHIDFGYILGRDPKPLPPPMKLNKEMVEGMGGTQSEQYQEFRKQCYTAFLHLRRYSNLILNLFSLMVDANIPDIALEPDK
TVKKVQDKFRLDLSDEEAVHYMQSLIDESVHALF
;
_entity_poly.pdbx_strand_id   B
#
# COMPACT_ATOMS: atom_id res chain seq x y z
N ALA A 14 -40.75 1.83 -2.14
CA ALA A 14 -40.77 1.22 -3.47
C ALA A 14 -39.67 1.84 -4.32
N THR A 15 -40.07 2.77 -5.19
CA THR A 15 -39.08 3.49 -5.99
C THR A 15 -37.98 4.07 -5.11
N ARG A 16 -38.34 4.60 -3.94
CA ARG A 16 -37.32 5.14 -3.04
C ARG A 16 -36.39 4.05 -2.53
N ASP A 17 -36.94 2.87 -2.22
CA ASP A 17 -36.09 1.79 -1.74
C ASP A 17 -35.13 1.31 -2.84
N GLN A 18 -35.60 1.22 -4.08
CA GLN A 18 -34.75 0.77 -5.17
C GLN A 18 -33.60 1.73 -5.43
N LEU A 19 -33.80 3.02 -5.14
CA LEU A 19 -32.70 4.02 -5.28
C LEU A 19 -31.65 3.79 -4.19
N ASN A 20 -32.07 3.64 -2.93
CA ASN A 20 -31.11 3.52 -1.84
C ASN A 20 -30.18 2.33 -2.07
N ILE A 21 -30.71 1.26 -2.68
CA ILE A 21 -29.86 0.11 -3.04
C ILE A 21 -28.84 0.53 -4.10
N ILE A 22 -29.30 1.19 -5.17
CA ILE A 22 -28.38 1.66 -6.19
C ILE A 22 -27.31 2.55 -5.55
N VAL A 23 -27.75 3.58 -4.83
CA VAL A 23 -26.80 4.57 -4.30
C VAL A 23 -25.75 3.89 -3.44
N SER A 24 -26.14 2.87 -2.68
CA SER A 24 -25.20 2.25 -1.76
C SER A 24 -24.28 1.23 -2.41
N TYR A 25 -24.38 1.02 -3.73
CA TYR A 25 -23.50 0.09 -4.46
C TYR A 25 -22.04 0.41 -4.24
N PRO A 26 -21.14 -0.59 -4.30
CA PRO A 26 -19.72 -0.30 -4.33
C PRO A 26 -19.36 0.44 -5.61
N PRO A 27 -18.30 1.25 -5.58
CA PRO A 27 -18.08 2.21 -6.68
C PRO A 27 -17.81 1.56 -8.03
N THR A 28 -17.47 0.28 -8.05
CA THR A 28 -17.08 -0.41 -9.26
C THR A 28 -18.20 -1.25 -9.87
N LYS A 29 -19.30 -1.43 -9.15
CA LYS A 29 -20.40 -2.21 -9.71
C LYS A 29 -21.06 -1.44 -10.86
N GLN A 30 -21.41 -2.17 -11.91
CA GLN A 30 -22.05 -1.59 -13.08
C GLN A 30 -23.55 -1.50 -12.83
N LEU A 31 -24.11 -0.32 -13.02
CA LEU A 31 -25.56 -0.17 -12.99
C LEU A 31 -26.14 -0.64 -14.31
N THR A 32 -27.29 -1.31 -14.24
CA THR A 32 -27.98 -1.71 -15.45
C THR A 32 -28.53 -0.47 -16.18
N TYR A 33 -28.99 -0.69 -17.41
CA TYR A 33 -29.70 0.36 -18.13
C TYR A 33 -30.89 0.84 -17.32
N GLU A 34 -31.69 -0.11 -16.83
CA GLU A 34 -32.86 0.24 -15.99
C GLU A 34 -32.37 1.08 -14.80
N GLU A 35 -31.26 0.69 -14.18
CA GLU A 35 -30.80 1.41 -13.01
C GLU A 35 -30.34 2.82 -13.36
N GLN A 36 -29.67 2.97 -14.50
CA GLN A 36 -29.17 4.28 -14.90
C GLN A 36 -30.31 5.26 -15.14
N ASP A 37 -31.33 4.81 -15.87
CA ASP A 37 -32.45 5.69 -16.18
C ASP A 37 -33.28 6.00 -14.94
N LEU A 38 -33.28 5.08 -13.95
CA LEU A 38 -33.94 5.38 -12.68
C LEU A 38 -33.18 6.45 -11.90
N VAL A 39 -31.84 6.38 -11.91
CA VAL A 39 -31.03 7.42 -11.28
C VAL A 39 -31.23 8.76 -11.98
N TRP A 40 -31.21 8.76 -13.32
CA TRP A 40 -31.40 9.99 -14.06
C TRP A 40 -32.76 10.62 -13.72
N LYS A 41 -33.84 9.84 -13.80
CA LYS A 41 -35.16 10.41 -13.55
C LYS A 41 -35.20 11.18 -12.23
N PHE A 42 -34.53 10.67 -11.20
CA PHE A 42 -34.56 11.33 -9.89
C PHE A 42 -33.33 12.20 -9.64
N ARG A 43 -32.65 12.67 -10.69
CA ARG A 43 -31.41 13.39 -10.44
C ARG A 43 -31.62 14.56 -9.48
N TYR A 44 -32.73 15.29 -9.63
CA TYR A 44 -32.95 16.44 -8.76
C TYR A 44 -33.35 16.03 -7.35
N TYR A 45 -33.94 14.86 -7.18
CA TYR A 45 -34.29 14.36 -5.85
C TYR A 45 -33.10 13.77 -5.10
N LEU A 46 -31.88 13.88 -5.63
CA LEU A 46 -30.73 13.25 -5.01
C LEU A 46 -29.57 14.20 -4.71
N THR A 47 -29.75 15.51 -4.92
CA THR A 47 -28.61 16.42 -4.90
C THR A 47 -28.07 16.65 -3.50
N ASN A 48 -28.81 16.30 -2.45
CA ASN A 48 -28.30 16.42 -1.09
C ASN A 48 -27.81 15.09 -0.51
N GLN A 49 -27.52 14.11 -1.37
CA GLN A 49 -26.90 12.84 -0.97
C GLN A 49 -25.55 12.75 -1.66
N GLU A 50 -24.48 13.08 -0.93
CA GLU A 50 -23.12 13.08 -1.55
C GLU A 50 -22.80 11.69 -2.10
N LYS A 51 -23.30 10.63 -1.47
CA LYS A 51 -22.97 9.27 -1.90
C LYS A 51 -23.65 8.88 -3.21
N ALA A 52 -24.59 9.69 -3.70
CA ALA A 52 -25.26 9.42 -4.95
C ALA A 52 -24.66 10.16 -6.14
N LEU A 53 -23.76 11.11 -5.91
CA LEU A 53 -23.21 11.91 -7.00
C LEU A 53 -22.41 11.05 -7.99
N THR A 54 -21.59 10.10 -7.51
CA THR A 54 -20.84 9.26 -8.47
C THR A 54 -21.80 8.38 -9.29
N LYS A 55 -22.89 7.91 -8.66
CA LYS A 55 -23.87 7.12 -9.40
C LYS A 55 -24.53 7.95 -10.49
N PHE A 56 -24.82 9.22 -10.19
CA PHE A 56 -25.41 10.09 -11.21
C PHE A 56 -24.44 10.31 -12.36
N LEU A 57 -23.21 10.71 -12.04
CA LEU A 57 -22.21 10.96 -13.08
C LEU A 57 -22.01 9.74 -13.98
N LYS A 58 -22.15 8.54 -13.42
CA LYS A 58 -22.00 7.30 -14.20
C LYS A 58 -23.04 7.17 -15.29
N CYS A 59 -24.24 7.71 -15.06
CA CYS A 59 -25.39 7.45 -15.93
C CYS A 59 -25.63 8.57 -16.94
N VAL A 60 -24.65 9.46 -17.10
CA VAL A 60 -24.78 10.65 -17.94
C VAL A 60 -24.21 10.32 -19.31
N ASN A 61 -25.03 10.46 -20.35
CA ASN A 61 -24.48 10.39 -21.70
C ASN A 61 -23.61 11.62 -21.92
N TRP A 62 -22.31 11.52 -21.65
CA TRP A 62 -21.44 12.67 -21.87
C TRP A 62 -21.34 13.01 -23.35
N ASP A 63 -21.64 12.05 -24.22
CA ASP A 63 -21.68 12.30 -25.66
C ASP A 63 -22.59 13.48 -26.01
N LEU A 64 -23.74 13.56 -25.32
CA LEU A 64 -24.75 14.61 -25.64
C LEU A 64 -24.39 15.94 -24.99
N PRO A 65 -24.20 17.02 -25.76
CA PRO A 65 -23.81 18.32 -25.20
C PRO A 65 -24.86 18.87 -24.23
N GLN A 66 -26.13 18.80 -24.60
CA GLN A 66 -27.20 19.37 -23.74
C GLN A 66 -27.23 18.63 -22.40
N GLU A 67 -27.24 17.29 -22.45
CA GLU A 67 -27.23 16.51 -21.21
C GLU A 67 -25.94 16.72 -20.44
N ALA A 68 -24.81 16.87 -21.12
CA ALA A 68 -23.56 17.16 -20.40
C ALA A 68 -23.63 18.52 -19.72
N LYS A 69 -24.17 19.53 -20.41
CA LYS A 69 -24.39 20.81 -19.77
C LYS A 69 -25.21 20.64 -18.49
N GLN A 70 -26.43 20.11 -18.61
CA GLN A 70 -27.28 19.90 -17.45
C GLN A 70 -26.55 19.13 -16.35
N ALA A 71 -25.75 18.14 -16.74
CA ALA A 71 -25.06 17.31 -15.74
C ALA A 71 -24.03 18.13 -14.97
N LEU A 72 -23.28 18.99 -15.67
CA LEU A 72 -22.32 19.86 -15.00
C LEU A 72 -23.01 20.91 -14.14
N GLU A 73 -24.17 21.42 -14.57
CA GLU A 73 -24.94 22.28 -13.69
C GLU A 73 -25.23 21.57 -12.37
N LEU A 74 -25.72 20.33 -12.46
CA LEU A 74 -26.04 19.58 -11.25
C LEU A 74 -24.80 19.28 -10.41
N LEU A 75 -23.66 19.04 -11.07
CA LEU A 75 -22.41 18.88 -10.33
C LEU A 75 -22.11 20.11 -9.50
N GLY A 76 -22.47 21.29 -10.01
CA GLY A 76 -22.26 22.51 -9.25
C GLY A 76 -23.19 22.61 -8.06
N LYS A 77 -24.47 22.31 -8.26
CA LYS A 77 -25.43 22.39 -7.16
C LYS A 77 -25.36 21.18 -6.22
N TRP A 78 -24.48 20.21 -6.47
CA TRP A 78 -24.55 18.96 -5.73
C TRP A 78 -23.79 19.05 -4.41
N LYS A 79 -24.35 18.43 -3.37
CA LYS A 79 -23.65 18.26 -2.11
C LYS A 79 -22.26 17.66 -2.36
N PRO A 80 -21.19 18.38 -2.04
CA PRO A 80 -19.84 17.95 -2.47
C PRO A 80 -19.49 16.56 -1.94
N MET A 81 -18.81 15.79 -2.78
CA MET A 81 -18.53 14.41 -2.42
C MET A 81 -17.25 14.31 -1.60
N ASP A 82 -17.18 13.26 -0.79
CA ASP A 82 -16.01 13.03 0.04
C ASP A 82 -14.77 12.86 -0.81
N VAL A 83 -13.62 13.17 -0.22
CA VAL A 83 -12.33 12.87 -0.84
C VAL A 83 -12.24 11.39 -1.21
N GLU A 84 -12.68 10.49 -0.32
CA GLU A 84 -12.55 9.06 -0.60
C GLU A 84 -13.32 8.67 -1.84
N ASP A 85 -14.51 9.24 -2.03
CA ASP A 85 -15.29 8.91 -3.22
C ASP A 85 -14.78 9.62 -4.45
N SER A 86 -14.12 10.77 -4.29
CA SER A 86 -13.60 11.47 -5.45
C SER A 86 -12.51 10.66 -6.15
N LEU A 87 -11.77 9.84 -5.41
CA LEU A 87 -10.78 8.98 -6.05
C LEU A 87 -11.39 8.24 -7.23
N GLU A 88 -12.67 7.85 -7.14
CA GLU A 88 -13.34 7.16 -8.23
C GLU A 88 -13.29 7.97 -9.53
N LEU A 89 -13.50 9.30 -9.44
CA LEU A 89 -13.54 10.14 -10.64
C LEU A 89 -12.19 10.25 -11.36
N LEU A 90 -11.08 9.82 -10.73
CA LEU A 90 -9.78 9.82 -11.40
C LEU A 90 -9.49 8.51 -12.12
N SER A 91 -10.35 7.50 -11.97
CA SER A 91 -10.10 6.21 -12.60
C SER A 91 -10.29 6.34 -14.12
N SER A 92 -10.04 5.23 -14.81
CA SER A 92 -10.06 5.25 -16.26
C SER A 92 -11.46 5.40 -16.84
N HIS A 93 -12.50 5.18 -16.04
CA HIS A 93 -13.85 5.27 -16.58
C HIS A 93 -14.33 6.71 -16.73
N TYR A 94 -13.54 7.71 -16.35
CA TYR A 94 -13.98 9.10 -16.44
C TYR A 94 -13.00 9.89 -17.29
N THR A 95 -13.53 10.50 -18.36
CA THR A 95 -12.74 11.25 -19.32
C THR A 95 -13.16 12.70 -19.48
N ASN A 96 -14.39 13.05 -19.13
CA ASN A 96 -14.83 14.45 -19.14
C ASN A 96 -13.86 15.29 -18.31
N PRO A 97 -13.27 16.34 -18.89
CA PRO A 97 -12.27 17.12 -18.14
C PRO A 97 -12.85 17.80 -16.91
N THR A 98 -14.09 18.33 -16.99
CA THR A 98 -14.66 19.01 -15.83
C THR A 98 -14.88 18.07 -14.67
N VAL A 99 -15.30 16.83 -14.97
CA VAL A 99 -15.41 15.82 -13.93
C VAL A 99 -14.05 15.55 -13.31
N ARG A 100 -13.01 15.41 -14.12
CA ARG A 100 -11.70 15.09 -13.56
C ARG A 100 -11.12 16.28 -12.78
N ARG A 101 -11.35 17.50 -13.24
CA ARG A 101 -10.93 18.67 -12.46
C ARG A 101 -11.73 18.78 -11.16
N TYR A 102 -13.00 18.39 -11.16
CA TYR A 102 -13.76 18.39 -9.92
C TYR A 102 -13.18 17.38 -8.92
N ALA A 103 -12.77 16.21 -9.40
CA ALA A 103 -12.09 15.24 -8.53
C ALA A 103 -10.87 15.89 -7.85
N VAL A 104 -10.04 16.58 -8.62
CA VAL A 104 -8.86 17.23 -8.04
C VAL A 104 -9.27 18.27 -7.02
N ALA A 105 -10.25 19.12 -7.36
CA ALA A 105 -10.76 20.10 -6.40
C ALA A 105 -11.20 19.44 -5.09
N ARG A 106 -11.91 18.32 -5.17
CA ARG A 106 -12.27 17.64 -3.93
C ARG A 106 -11.02 17.09 -3.22
N LEU A 107 -10.04 16.59 -3.98
CA LEU A 107 -8.79 16.09 -3.39
C LEU A 107 -8.06 17.18 -2.61
N ARG A 108 -8.14 18.43 -3.09
CA ARG A 108 -7.48 19.52 -2.41
C ARG A 108 -7.94 19.66 -0.95
N GLN A 109 -9.11 19.11 -0.59
CA GLN A 109 -9.62 19.21 0.77
C GLN A 109 -8.98 18.21 1.71
N ALA A 110 -8.36 17.16 1.19
CA ALA A 110 -7.61 16.21 2.00
C ALA A 110 -6.38 16.87 2.61
N ASP A 111 -6.06 16.52 3.84
CA ASP A 111 -4.77 16.94 4.36
C ASP A 111 -3.67 15.99 3.89
N ASP A 112 -2.43 16.37 4.18
CA ASP A 112 -1.30 15.68 3.57
C ASP A 112 -1.13 14.25 4.08
N GLU A 113 -1.50 13.97 5.33
CA GLU A 113 -1.45 12.59 5.81
C GLU A 113 -2.35 11.68 4.97
N ASP A 114 -3.57 12.13 4.66
CA ASP A 114 -4.44 11.31 3.83
C ASP A 114 -3.91 11.23 2.40
N LEU A 115 -3.52 12.37 1.85
CA LEU A 115 -3.01 12.41 0.49
C LEU A 115 -1.85 11.42 0.32
N LEU A 116 -0.89 11.46 1.25
CA LEU A 116 0.25 10.54 1.19
C LEU A 116 -0.20 9.08 1.11
N MET A 117 -1.25 8.72 1.83
CA MET A 117 -1.74 7.34 1.81
CA MET A 117 -1.73 7.34 1.81
C MET A 117 -2.35 6.95 0.47
N TYR A 118 -2.66 7.93 -0.38
CA TYR A 118 -3.22 7.64 -1.70
C TYR A 118 -2.20 7.84 -2.81
N LEU A 119 -1.00 8.31 -2.48
CA LEU A 119 -0.11 8.85 -3.51
C LEU A 119 0.28 7.79 -4.53
N LEU A 120 0.58 6.57 -4.08
N LEU A 120 0.58 6.57 -4.08
CA LEU A 120 0.96 5.53 -5.03
CA LEU A 120 0.96 5.54 -5.03
C LEU A 120 -0.12 5.35 -6.09
C LEU A 120 -0.12 5.37 -6.09
N GLN A 121 -1.39 5.37 -5.69
CA GLN A 121 -2.48 5.20 -6.65
C GLN A 121 -2.67 6.44 -7.52
N LEU A 122 -2.51 7.64 -6.92
CA LEU A 122 -2.67 8.86 -7.71
C LEU A 122 -1.63 8.96 -8.81
N VAL A 123 -0.42 8.45 -8.55
CA VAL A 123 0.61 8.45 -9.58
C VAL A 123 0.23 7.53 -10.73
N GLN A 124 -0.42 6.39 -10.44
CA GLN A 124 -0.92 5.54 -11.52
C GLN A 124 -2.05 6.22 -12.29
N ALA A 125 -2.85 7.04 -11.60
CA ALA A 125 -3.98 7.68 -12.26
C ALA A 125 -3.54 8.70 -13.30
N LEU A 126 -2.26 9.12 -13.27
CA LEU A 126 -1.81 10.03 -14.31
C LEU A 126 -1.90 9.39 -15.69
N LYS A 127 -1.92 8.05 -15.78
CA LYS A 127 -2.20 7.40 -17.05
C LYS A 127 -3.52 7.89 -17.66
N TYR A 128 -4.48 8.30 -16.81
CA TYR A 128 -5.82 8.64 -17.27
C TYR A 128 -5.99 10.14 -17.45
N GLU A 129 -4.94 10.92 -17.28
CA GLU A 129 -4.99 12.35 -17.48
C GLU A 129 -4.68 12.68 -18.94
N ASN A 130 -4.79 13.96 -19.26
CA ASN A 130 -4.49 14.47 -20.60
C ASN A 130 -2.99 14.63 -20.73
N PHE A 131 -2.38 13.87 -21.65
CA PHE A 131 -0.93 13.89 -21.79
C PHE A 131 -0.43 15.19 -22.41
N ASP A 132 -1.22 15.82 -23.28
CA ASP A 132 -0.81 17.07 -23.90
C ASP A 132 -0.74 18.20 -22.89
N ASP A 133 -1.72 18.28 -21.98
CA ASP A 133 -1.66 19.28 -20.91
C ASP A 133 -0.38 19.13 -20.10
N ILE A 134 -0.07 17.89 -19.70
CA ILE A 134 1.14 17.66 -18.92
C ILE A 134 2.36 18.13 -19.69
N LYS A 135 2.46 17.75 -20.97
CA LYS A 135 3.57 18.20 -21.77
C LYS A 135 3.55 19.72 -21.91
N ASN A 136 2.38 20.30 -22.18
CA ASN A 136 2.30 21.71 -22.54
C ASN A 136 2.62 22.63 -21.37
N GLY A 137 2.62 22.11 -20.15
CA GLY A 137 3.03 22.92 -19.02
C GLY A 137 4.51 23.10 -18.88
N LEU A 138 5.31 22.53 -19.78
CA LEU A 138 6.76 22.64 -19.73
C LEU A 138 7.22 23.94 -20.37
N GLU A 139 8.11 24.66 -19.67
CA GLU A 139 8.69 25.87 -20.25
C GLU A 139 9.64 25.49 -21.38
N PRO A 140 9.58 26.18 -22.53
CA PRO A 140 10.50 25.91 -23.63
C PRO A 140 11.96 25.88 -23.20
N ASN A 193 -10.68 27.18 -8.59
CA ASN A 193 -11.58 26.08 -8.28
C ASN A 193 -11.27 24.87 -9.14
N LEU A 194 -11.70 24.88 -10.40
CA LEU A 194 -11.46 23.76 -11.29
C LEU A 194 -10.22 23.95 -12.16
N GLU A 195 -9.28 24.81 -11.73
CA GLU A 195 -8.18 25.22 -12.58
C GLU A 195 -6.91 24.36 -12.41
N GLN A 196 -7.02 23.13 -11.91
CA GLN A 196 -5.83 22.33 -11.63
C GLN A 196 -6.09 20.88 -12.03
N ASP A 197 -5.26 20.34 -12.92
CA ASP A 197 -5.30 18.91 -13.21
C ASP A 197 -4.50 18.14 -12.17
N LEU A 198 -4.47 16.81 -12.32
CA LEU A 198 -3.87 15.96 -11.30
C LEU A 198 -2.37 16.21 -11.14
N CYS A 199 -1.67 16.32 -12.27
CA CYS A 199 -0.22 16.54 -12.25
C CYS A 199 0.14 17.85 -11.56
N THR A 200 -0.51 18.96 -11.98
CA THR A 200 -0.28 20.26 -11.38
C THR A 200 -0.58 20.23 -9.89
N PHE A 201 -1.66 19.53 -9.50
CA PHE A 201 -2.03 19.42 -8.10
C PHE A 201 -0.93 18.74 -7.29
N LEU A 202 -0.48 17.57 -7.74
CA LEU A 202 0.52 16.79 -7.00
C LEU A 202 1.85 17.54 -6.90
N ILE A 203 2.32 18.14 -8.00
CA ILE A 203 3.55 18.91 -7.95
C ILE A 203 3.38 20.09 -6.97
N SER A 204 2.21 20.72 -6.98
CA SER A 204 1.98 21.83 -6.08
C SER A 204 2.01 21.39 -4.62
N ARG A 205 1.39 20.25 -4.31
CA ARG A 205 1.39 19.77 -2.93
C ARG A 205 2.78 19.27 -2.54
N ALA A 206 3.50 18.61 -3.46
CA ALA A 206 4.86 18.15 -3.18
C ALA A 206 5.82 19.31 -2.87
N CYS A 207 5.60 20.48 -3.47
CA CYS A 207 6.53 21.62 -3.26
C CYS A 207 6.34 22.22 -1.87
N LYS A 208 5.27 21.85 -1.16
CA LYS A 208 5.02 22.37 0.17
C LYS A 208 5.33 21.38 1.28
N ASN A 209 5.57 20.12 0.91
CA ASN A 209 5.80 19.05 1.92
C ASN A 209 6.93 18.16 1.40
N SER A 210 8.03 18.09 2.12
CA SER A 210 9.17 17.35 1.62
C SER A 210 8.95 15.83 1.66
N THR A 211 8.10 15.35 2.57
CA THR A 211 7.78 13.93 2.59
C THR A 211 6.96 13.55 1.34
N LEU A 212 5.94 14.34 1.01
CA LEU A 212 5.22 14.16 -0.25
C LEU A 212 6.17 14.22 -1.44
N ALA A 213 7.06 15.21 -1.46
CA ALA A 213 7.98 15.32 -2.59
C ALA A 213 8.85 14.07 -2.71
N ASN A 214 9.29 13.49 -1.59
CA ASN A 214 10.16 12.32 -1.65
C ASN A 214 9.47 11.17 -2.37
N TYR A 215 8.22 10.86 -1.97
CA TYR A 215 7.50 9.72 -2.53
C TYR A 215 7.03 10.00 -3.95
N LEU A 216 6.68 11.26 -4.23
CA LEU A 216 6.32 11.60 -5.60
C LEU A 216 7.51 11.32 -6.51
N TYR A 217 8.71 11.74 -6.10
CA TYR A 217 9.89 11.54 -6.93
C TYR A 217 10.11 10.05 -7.21
N TRP A 218 10.14 9.21 -6.15
CA TRP A 218 10.49 7.80 -6.33
C TRP A 218 9.40 7.04 -7.07
N TYR A 219 8.12 7.33 -6.75
CA TYR A 219 7.02 6.72 -7.49
C TYR A 219 7.11 7.00 -9.00
N VAL A 220 7.39 8.26 -9.36
CA VAL A 220 7.39 8.62 -10.78
C VAL A 220 8.67 8.13 -11.45
N ILE A 221 9.77 8.09 -10.69
CA ILE A 221 11.07 7.65 -11.27
C ILE A 221 10.98 6.17 -11.66
N VAL A 222 10.29 5.36 -10.84
CA VAL A 222 10.13 3.94 -11.17
C VAL A 222 9.22 3.78 -12.39
N GLU A 223 8.14 4.57 -12.49
CA GLU A 223 7.33 4.49 -13.70
C GLU A 223 8.11 4.93 -14.93
N CYS A 224 9.13 5.77 -14.77
CA CYS A 224 9.94 6.22 -15.90
C CYS A 224 10.85 5.11 -16.40
N GLU A 225 11.43 4.34 -15.48
CA GLU A 225 12.37 3.31 -15.88
C GLU A 225 11.67 2.01 -16.29
N ASP A 226 10.33 1.96 -16.28
CA ASP A 226 9.63 0.71 -16.56
C ASP A 226 9.79 0.34 -18.03
N GLN A 227 10.54 -0.72 -18.30
CA GLN A 227 10.79 -1.10 -19.68
C GLN A 227 9.58 -1.75 -20.36
N ASP A 228 8.66 -2.38 -19.60
CA ASP A 228 7.43 -2.87 -20.21
C ASP A 228 6.58 -1.71 -20.72
N THR A 229 6.38 -0.69 -19.89
CA THR A 229 5.65 0.50 -20.32
C THR A 229 6.31 1.15 -21.52
N GLN A 230 7.64 1.24 -21.48
CA GLN A 230 8.39 1.90 -22.54
C GLN A 230 8.18 1.20 -23.88
N GLN A 231 8.33 -0.12 -23.91
CA GLN A 231 8.16 -0.84 -25.17
C GLN A 231 6.68 -0.96 -25.55
N ARG A 232 5.80 -1.19 -24.58
CA ARG A 232 4.42 -1.53 -24.88
C ARG A 232 3.47 -0.34 -24.93
N ASP A 233 3.83 0.80 -24.31
CA ASP A 233 2.98 1.98 -24.33
C ASP A 233 3.86 3.23 -24.23
N PRO A 234 4.55 3.56 -25.31
CA PRO A 234 5.48 4.71 -25.28
C PRO A 234 4.84 6.03 -24.94
N LYS A 235 3.60 6.27 -25.37
CA LYS A 235 2.95 7.52 -25.01
C LYS A 235 2.88 7.66 -23.50
N THR A 236 2.47 6.60 -22.82
CA THR A 236 2.35 6.68 -21.37
C THR A 236 3.73 6.78 -20.70
N HIS A 237 4.75 6.12 -21.27
CA HIS A 237 6.11 6.30 -20.77
C HIS A 237 6.57 7.75 -20.91
N GLU A 238 6.29 8.36 -22.06
CA GLU A 238 6.68 9.75 -22.31
C GLU A 238 5.97 10.71 -21.36
N MET A 239 4.70 10.43 -21.04
CA MET A 239 4.00 11.25 -20.07
C MET A 239 4.75 11.26 -18.75
N TYR A 240 5.22 10.10 -18.29
CA TYR A 240 5.90 10.07 -16.99
C TYR A 240 7.23 10.80 -17.03
N LEU A 241 7.96 10.75 -18.15
CA LEU A 241 9.12 11.62 -18.28
C LEU A 241 8.72 13.08 -18.11
N ASN A 242 7.69 13.51 -18.85
CA ASN A 242 7.20 14.88 -18.73
C ASN A 242 6.75 15.21 -17.33
N VAL A 243 6.06 14.27 -16.65
CA VAL A 243 5.70 14.53 -15.25
C VAL A 243 6.96 14.80 -14.43
N MET A 244 8.01 14.01 -14.64
CA MET A 244 9.24 14.24 -13.91
C MET A 244 9.90 15.57 -14.32
N ARG A 245 9.78 15.94 -15.60
CA ARG A 245 10.36 17.22 -16.08
C ARG A 245 9.59 18.39 -15.45
N ARG A 246 8.26 18.27 -15.36
CA ARG A 246 7.44 19.34 -14.74
C ARG A 246 7.82 19.46 -13.25
N PHE A 247 7.98 18.33 -12.56
CA PHE A 247 8.39 18.36 -11.16
C PHE A 247 9.70 19.11 -11.02
N SER A 248 10.72 18.70 -11.76
CA SER A 248 12.00 19.38 -11.68
C SER A 248 11.83 20.88 -11.91
N GLN A 249 11.04 21.24 -12.93
CA GLN A 249 10.82 22.65 -13.26
C GLN A 249 10.18 23.39 -12.11
N ALA A 250 9.16 22.79 -11.48
CA ALA A 250 8.46 23.51 -10.39
C ALA A 250 9.42 23.70 -9.22
N LEU A 251 10.33 22.73 -9.01
CA LEU A 251 11.29 22.81 -7.88
C LEU A 251 12.29 23.94 -8.12
N LEU A 252 12.78 24.08 -9.37
CA LEU A 252 13.71 25.17 -9.66
C LEU A 252 13.04 26.53 -9.62
N LYS A 253 11.74 26.60 -9.89
CA LYS A 253 11.06 27.90 -9.82
C LYS A 253 10.63 28.26 -8.39
N GLY A 254 10.83 27.36 -7.44
CA GLY A 254 10.33 27.62 -6.07
C GLY A 254 11.29 28.46 -5.26
N ASP A 255 10.99 28.62 -3.96
CA ASP A 255 11.88 29.40 -3.06
C ASP A 255 13.08 28.54 -2.65
N LYS A 256 13.94 29.05 -1.79
CA LYS A 256 15.17 28.31 -1.37
C LYS A 256 14.75 26.94 -0.80
N SER A 257 13.64 26.90 -0.07
CA SER A 257 13.18 25.63 0.56
C SER A 257 12.97 24.54 -0.50
N VAL A 258 12.13 24.83 -1.49
CA VAL A 258 11.77 23.86 -2.56
C VAL A 258 12.97 23.60 -3.47
N ARG A 259 13.86 24.59 -3.60
CA ARG A 259 15.04 24.49 -4.50
C ARG A 259 16.07 23.54 -3.88
N VAL A 260 16.24 23.57 -2.55
CA VAL A 260 17.18 22.63 -1.88
C VAL A 260 16.58 21.22 -1.93
N MET A 261 15.25 21.11 -1.93
CA MET A 261 14.59 19.78 -2.05
C MET A 261 15.11 19.11 -3.32
N ARG A 262 15.22 19.87 -4.41
CA ARG A 262 15.71 19.30 -5.70
C ARG A 262 17.07 18.63 -5.49
N SER A 263 18.02 19.34 -4.84
CA SER A 263 19.34 18.76 -4.68
C SER A 263 19.35 17.64 -3.64
N LEU A 264 18.48 17.69 -2.63
CA LEU A 264 18.33 16.52 -1.78
C LEU A 264 17.88 15.31 -2.58
N LEU A 265 16.88 15.48 -3.47
CA LEU A 265 16.47 14.38 -4.33
C LEU A 265 17.62 13.90 -5.19
N ALA A 266 18.38 14.83 -5.76
CA ALA A 266 19.54 14.45 -6.55
C ALA A 266 20.53 13.64 -5.72
N ALA A 267 20.80 14.08 -4.48
CA ALA A 267 21.74 13.36 -3.61
C ALA A 267 21.25 11.94 -3.32
N GLN A 268 19.94 11.79 -3.03
CA GLN A 268 19.39 10.45 -2.82
C GLN A 268 19.57 9.58 -4.07
N GLN A 269 19.33 10.16 -5.24
CA GLN A 269 19.41 9.35 -6.46
C GLN A 269 20.81 8.81 -6.69
N THR A 270 21.85 9.66 -6.50
CA THR A 270 23.21 9.19 -6.73
C THR A 270 23.65 8.21 -5.65
N PHE A 271 23.11 8.36 -4.44
CA PHE A 271 23.43 7.40 -3.35
C PHE A 271 22.91 6.02 -3.76
N VAL A 272 21.65 5.95 -4.24
CA VAL A 272 21.10 4.67 -4.66
C VAL A 272 21.89 4.10 -5.84
N ASP A 273 22.30 4.94 -6.79
CA ASP A 273 23.11 4.44 -7.89
C ASP A 273 24.41 3.83 -7.39
N ARG A 274 25.05 4.47 -6.41
CA ARG A 274 26.29 3.95 -5.82
C ARG A 274 26.03 2.65 -5.07
N LEU A 275 24.94 2.58 -4.33
CA LEU A 275 24.58 1.33 -3.66
C LEU A 275 24.35 0.22 -4.68
N VAL A 276 23.58 0.51 -5.73
CA VAL A 276 23.37 -0.48 -6.78
C VAL A 276 24.72 -0.95 -7.31
N HIS A 277 25.60 -0.01 -7.62
CA HIS A 277 26.92 -0.37 -8.16
C HIS A 277 27.71 -1.23 -7.17
N LEU A 278 27.58 -0.95 -5.87
CA LEU A 278 28.30 -1.75 -4.88
C LEU A 278 27.79 -3.20 -4.85
N MET A 279 26.47 -3.38 -4.78
CA MET A 279 25.91 -4.74 -4.82
C MET A 279 26.46 -5.54 -5.99
N LYS A 280 26.60 -4.89 -7.16
CA LYS A 280 27.11 -5.63 -8.31
C LYS A 280 28.57 -5.99 -8.13
N ALA A 281 29.34 -5.10 -7.49
CA ALA A 281 30.76 -5.34 -7.29
C ALA A 281 30.99 -6.54 -6.39
N VAL A 282 30.19 -6.68 -5.33
CA VAL A 282 30.30 -7.85 -4.47
C VAL A 282 30.12 -9.14 -5.25
N GLN A 283 29.28 -9.13 -6.29
CA GLN A 283 28.88 -10.33 -7.01
C GLN A 283 29.68 -10.59 -8.28
N ARG A 284 30.72 -9.81 -8.53
CA ARG A 284 31.43 -9.90 -9.80
C ARG A 284 32.16 -11.23 -9.93
N GLU A 285 32.90 -11.61 -8.90
CA GLU A 285 33.61 -12.87 -8.82
C GLU A 285 32.90 -13.77 -7.80
N SER A 286 33.24 -15.05 -7.85
CA SER A 286 32.62 -15.98 -6.92
C SER A 286 33.32 -15.95 -5.57
N GLY A 287 32.56 -16.31 -4.55
CA GLY A 287 33.10 -16.47 -3.21
C GLY A 287 31.97 -16.91 -2.31
N ASN A 288 32.33 -17.47 -1.16
CA ASN A 288 31.30 -17.89 -0.22
C ASN A 288 30.74 -16.67 0.50
N ARG A 289 29.75 -16.89 1.36
CA ARG A 289 29.03 -15.76 1.93
C ARG A 289 29.94 -14.91 2.81
N LYS A 290 30.86 -15.54 3.52
CA LYS A 290 31.83 -14.82 4.33
C LYS A 290 32.70 -13.92 3.46
N LYS A 291 33.25 -14.48 2.38
CA LYS A 291 34.05 -13.68 1.45
C LYS A 291 33.25 -12.53 0.85
N LYS A 292 31.97 -12.75 0.55
CA LYS A 292 31.17 -11.71 -0.07
C LYS A 292 30.83 -10.62 0.94
N ASN A 293 30.57 -10.99 2.20
CA ASN A 293 30.37 -9.98 3.23
C ASN A 293 31.62 -9.10 3.37
N GLU A 294 32.81 -9.70 3.37
CA GLU A 294 34.02 -8.90 3.50
C GLU A 294 34.18 -7.96 2.31
N ARG A 295 33.81 -8.40 1.10
CA ARG A 295 33.81 -7.46 -0.02
C ARG A 295 32.84 -6.33 0.24
N LEU A 296 31.61 -6.67 0.63
CA LEU A 296 30.61 -5.67 0.99
C LEU A 296 31.14 -4.69 2.03
N GLN A 297 31.75 -5.21 3.10
CA GLN A 297 32.18 -4.32 4.16
C GLN A 297 33.34 -3.44 3.73
N ALA A 298 34.32 -4.03 3.05
CA ALA A 298 35.45 -3.23 2.56
C ALA A 298 34.96 -2.11 1.65
N LEU A 299 34.11 -2.43 0.66
CA LEU A 299 33.67 -1.43 -0.31
C LEU A 299 32.87 -0.31 0.36
N LEU A 300 32.11 -0.64 1.40
CA LEU A 300 31.32 0.37 2.11
C LEU A 300 32.23 1.32 2.89
N GLY A 301 33.27 0.78 3.53
CA GLY A 301 34.17 1.57 4.34
C GLY A 301 35.09 2.45 3.53
N ASP A 302 35.20 2.22 2.21
CA ASP A 302 36.06 3.04 1.35
C ASP A 302 35.20 4.19 0.85
N ASN A 303 35.14 5.24 1.67
CA ASN A 303 34.26 6.36 1.37
C ASN A 303 34.81 7.28 0.29
N GLU A 304 36.13 7.36 0.11
CA GLU A 304 36.64 8.06 -1.07
C GLU A 304 36.08 7.41 -2.34
N LYS A 305 36.34 6.11 -2.50
CA LYS A 305 35.82 5.34 -3.63
C LYS A 305 34.29 5.38 -3.67
N MET A 306 33.64 4.71 -2.70
CA MET A 306 32.21 4.36 -2.76
C MET A 306 31.28 5.42 -2.18
N ASN A 307 31.69 6.12 -1.12
CA ASN A 307 31.02 7.34 -0.65
C ASN A 307 29.66 7.06 0.01
N LEU A 308 29.51 5.91 0.66
CA LEU A 308 28.25 5.49 1.24
C LEU A 308 28.25 5.43 2.76
N SER A 309 29.40 5.61 3.40
CA SER A 309 29.48 5.59 4.85
C SER A 309 29.54 6.98 5.48
N ASP A 310 29.68 8.04 4.68
CA ASP A 310 29.74 9.41 5.21
C ASP A 310 29.18 10.37 4.16
N VAL A 311 27.91 10.74 4.32
CA VAL A 311 27.23 11.68 3.45
C VAL A 311 26.63 12.78 4.33
N GLU A 312 26.31 13.90 3.68
CA GLU A 312 25.80 15.09 4.43
C GLU A 312 24.33 14.88 4.77
N LEU A 313 24.01 14.24 5.90
CA LEU A 313 22.63 14.11 6.39
C LEU A 313 21.55 14.19 5.32
N ILE A 314 21.42 13.18 4.47
CA ILE A 314 20.39 13.21 3.38
C ILE A 314 19.18 12.40 3.84
N PRO A 315 17.95 12.73 3.38
CA PRO A 315 16.75 11.97 3.72
C PRO A 315 16.87 10.50 3.27
N LEU A 316 16.38 9.56 4.08
CA LEU A 316 16.40 8.13 3.67
C LEU A 316 15.17 7.90 2.79
N PRO A 317 15.31 7.45 1.53
CA PRO A 317 14.14 7.34 0.62
C PRO A 317 13.04 6.48 1.22
N LEU A 318 13.42 5.34 1.80
CA LEU A 318 12.46 4.46 2.45
C LEU A 318 11.56 5.21 3.42
N GLU A 319 12.10 6.24 4.09
CA GLU A 319 11.37 6.97 5.14
C GLU A 319 11.97 8.36 5.31
N PRO A 320 11.52 9.35 4.53
CA PRO A 320 12.28 10.60 4.41
C PRO A 320 12.37 11.43 5.70
N GLN A 321 11.52 11.19 6.70
CA GLN A 321 11.70 11.85 7.99
C GLN A 321 13.06 11.50 8.62
N VAL A 322 13.57 10.32 8.29
CA VAL A 322 14.87 9.88 8.85
C VAL A 322 16.02 10.46 8.02
N LYS A 323 16.89 11.26 8.63
CA LYS A 323 18.07 11.82 7.91
C LYS A 323 19.24 10.86 8.17
N ILE A 324 20.00 10.52 7.13
CA ILE A 324 21.08 9.50 7.29
C ILE A 324 22.46 10.12 7.15
N ARG A 325 23.42 9.68 7.96
CA ARG A 325 24.82 10.15 7.81
C ARG A 325 25.56 9.17 6.91
N GLY A 326 25.01 7.96 6.76
CA GLY A 326 25.65 6.92 5.92
C GLY A 326 25.34 5.53 6.41
N ILE A 327 25.95 4.52 5.78
CA ILE A 327 25.73 3.12 6.15
C ILE A 327 26.90 2.69 7.05
N ILE A 328 26.61 1.92 8.07
CA ILE A 328 27.70 1.44 8.92
C ILE A 328 28.45 0.30 8.22
N PRO A 329 29.71 0.50 7.83
CA PRO A 329 30.39 -0.51 7.00
C PRO A 329 30.50 -1.86 7.65
N GLU A 330 30.81 -1.93 8.95
CA GLU A 330 31.27 -3.18 9.53
C GLU A 330 30.15 -4.12 9.98
N THR A 331 28.89 -3.68 9.92
CA THR A 331 27.77 -4.53 10.29
C THR A 331 26.87 -4.86 9.10
N ALA A 332 27.30 -4.53 7.89
CA ALA A 332 26.56 -4.89 6.68
C ALA A 332 26.84 -6.36 6.33
N THR A 333 25.79 -7.12 6.00
CA THR A 333 26.00 -8.51 5.55
C THR A 333 24.92 -8.87 4.53
N LEU A 334 25.12 -10.01 3.88
CA LEU A 334 24.21 -10.50 2.85
C LEU A 334 23.35 -11.63 3.41
N PHE A 335 22.09 -11.68 2.97
CA PHE A 335 21.22 -12.80 3.37
C PHE A 335 21.56 -14.04 2.59
N LYS A 336 21.43 -15.19 3.24
CA LYS A 336 21.56 -16.47 2.55
C LYS A 336 20.33 -16.74 1.70
N SER A 337 20.30 -16.24 0.48
CA SER A 337 19.21 -16.55 -0.43
C SER A 337 19.68 -16.32 -1.86
N ALA A 338 18.78 -16.55 -2.82
CA ALA A 338 19.20 -16.52 -4.21
C ALA A 338 19.74 -15.15 -4.60
N LEU A 339 18.99 -14.09 -4.29
CA LEU A 339 19.42 -12.75 -4.71
C LEU A 339 20.47 -12.13 -3.79
N MET A 340 20.71 -12.72 -2.61
CA MET A 340 21.66 -12.17 -1.65
C MET A 340 21.39 -10.67 -1.42
N PRO A 341 20.17 -10.32 -0.99
CA PRO A 341 19.92 -8.95 -0.58
C PRO A 341 20.78 -8.63 0.63
N ALA A 342 21.13 -7.36 0.76
CA ALA A 342 21.98 -6.94 1.87
C ALA A 342 21.14 -6.44 3.03
N GLN A 343 21.55 -6.78 4.24
CA GLN A 343 21.10 -6.06 5.42
C GLN A 343 22.09 -4.94 5.72
N LEU A 344 21.57 -3.72 5.86
CA LEU A 344 22.38 -2.51 6.01
C LEU A 344 21.84 -1.67 7.16
N PHE A 345 22.74 -1.19 8.00
CA PHE A 345 22.36 -0.29 9.09
C PHE A 345 22.71 1.14 8.71
N PHE A 346 21.69 1.99 8.64
CA PHE A 346 21.91 3.42 8.29
C PHE A 346 22.14 4.24 9.55
N LYS A 347 23.15 5.09 9.55
CA LYS A 347 23.40 5.97 10.69
C LYS A 347 22.47 7.19 10.63
N THR A 348 21.69 7.39 11.68
CA THR A 348 20.74 8.53 11.69
C THR A 348 21.47 9.80 12.15
N GLU A 349 20.96 10.98 11.77
CA GLU A 349 21.60 12.23 12.16
C GLU A 349 21.75 12.34 13.67
N ASP A 350 20.85 11.69 14.43
CA ASP A 350 20.83 11.74 15.88
C ASP A 350 21.55 10.54 16.51
N GLY A 351 22.39 9.85 15.74
CA GLY A 351 23.24 8.82 16.29
C GLY A 351 22.63 7.43 16.37
N GLY A 352 21.38 7.26 15.97
CA GLY A 352 20.76 5.96 15.97
C GLY A 352 21.04 5.20 14.71
N LYS A 353 20.36 4.06 14.59
CA LYS A 353 20.57 3.10 13.52
C LYS A 353 19.23 2.72 12.93
N TYR A 354 19.13 2.75 11.61
CA TYR A 354 17.90 2.32 10.94
C TYR A 354 18.24 1.13 10.03
N PRO A 355 17.85 -0.09 10.40
CA PRO A 355 18.18 -1.26 9.56
C PRO A 355 17.24 -1.40 8.39
N VAL A 356 17.80 -1.69 7.22
CA VAL A 356 17.03 -1.93 6.00
C VAL A 356 17.54 -3.20 5.34
N ILE A 357 16.72 -3.75 4.45
CA ILE A 357 17.16 -4.72 3.46
C ILE A 357 17.24 -3.99 2.14
N PHE A 358 18.37 -4.09 1.45
CA PHE A 358 18.45 -3.60 0.09
C PHE A 358 18.43 -4.79 -0.85
N LYS A 359 17.47 -4.83 -1.77
CA LYS A 359 17.32 -5.90 -2.73
C LYS A 359 17.66 -5.37 -4.10
N HIS A 360 18.47 -6.13 -4.84
CA HIS A 360 18.80 -5.84 -6.22
C HIS A 360 18.45 -7.05 -7.06
N GLY A 361 17.90 -6.80 -8.26
CA GLY A 361 17.45 -7.89 -9.11
C GLY A 361 16.06 -8.39 -8.79
N ASP A 362 15.16 -7.53 -8.29
CA ASP A 362 13.85 -7.95 -7.87
C ASP A 362 12.89 -6.77 -8.04
N ASP A 363 11.65 -7.05 -8.44
CA ASP A 363 10.64 -6.01 -8.62
C ASP A 363 9.80 -5.96 -7.35
N LEU A 364 10.04 -4.95 -6.53
CA LEU A 364 9.36 -4.82 -5.24
C LEU A 364 7.95 -4.27 -5.35
N ARG A 365 7.45 -3.97 -6.55
CA ARG A 365 6.25 -3.13 -6.62
C ARG A 365 5.01 -3.86 -6.09
N GLN A 366 4.94 -5.19 -6.24
CA GLN A 366 3.78 -5.86 -5.67
C GLN A 366 3.83 -5.81 -4.15
N ASP A 367 5.00 -6.05 -3.57
CA ASP A 367 5.15 -5.88 -2.13
C ASP A 367 4.86 -4.45 -1.70
N GLN A 368 5.37 -3.47 -2.46
CA GLN A 368 5.11 -2.08 -2.15
C GLN A 368 3.62 -1.77 -2.07
N LEU A 369 2.83 -2.29 -3.03
CA LEU A 369 1.40 -2.04 -3.00
C LEU A 369 0.74 -2.66 -1.77
N ILE A 370 1.06 -3.93 -1.48
CA ILE A 370 0.42 -4.62 -0.36
C ILE A 370 0.75 -3.93 0.96
N LEU A 371 2.04 -3.61 1.18
CA LEU A 371 2.41 -2.92 2.41
C LEU A 371 1.80 -1.52 2.49
N GLN A 372 1.63 -0.84 1.35
CA GLN A 372 0.93 0.44 1.36
C GLN A 372 -0.52 0.26 1.81
N ILE A 373 -1.19 -0.76 1.26
CA ILE A 373 -2.57 -1.03 1.63
C ILE A 373 -2.66 -1.46 3.10
N ILE A 374 -1.74 -2.32 3.55
CA ILE A 374 -1.79 -2.73 4.94
C ILE A 374 -1.59 -1.53 5.85
N SER A 375 -0.67 -0.63 5.48
CA SER A 375 -0.51 0.60 6.24
C SER A 375 -1.82 1.38 6.29
N LEU A 376 -2.48 1.55 5.15
CA LEU A 376 -3.75 2.26 5.14
C LEU A 376 -4.76 1.58 6.07
N MET A 377 -4.94 0.27 5.90
CA MET A 377 -5.92 -0.43 6.74
C MET A 377 -5.55 -0.30 8.21
N ASP A 378 -4.25 -0.34 8.54
CA ASP A 378 -3.85 -0.12 9.92
C ASP A 378 -4.31 1.26 10.41
N LYS A 379 -4.13 2.31 9.60
CA LYS A 379 -4.57 3.64 10.01
C LYS A 379 -6.09 3.75 10.10
N LEU A 380 -6.83 3.18 9.15
CA LEU A 380 -8.29 3.23 9.24
C LEU A 380 -8.75 2.63 10.57
N LEU A 381 -8.20 1.46 10.91
CA LEU A 381 -8.56 0.80 12.16
C LEU A 381 -8.20 1.67 13.36
N ARG A 382 -7.03 2.32 13.33
CA ARG A 382 -6.68 3.20 14.43
C ARG A 382 -7.61 4.40 14.50
N LYS A 383 -7.96 5.00 13.35
CA LYS A 383 -8.97 6.05 13.35
C LYS A 383 -10.22 5.62 14.10
N GLU A 384 -10.50 4.31 14.10
CA GLU A 384 -11.71 3.77 14.78
C GLU A 384 -11.34 3.25 16.17
N ASN A 385 -10.22 3.69 16.73
CA ASN A 385 -9.82 3.31 18.08
C ASN A 385 -9.61 1.81 18.21
N LEU A 386 -9.06 1.19 17.18
CA LEU A 386 -8.78 -0.24 17.14
C LEU A 386 -7.34 -0.41 16.66
N ASP A 387 -6.43 -0.69 17.59
CA ASP A 387 -5.01 -0.84 17.27
C ASP A 387 -4.68 -2.32 17.44
N LEU A 388 -4.57 -3.02 16.32
CA LEU A 388 -4.35 -4.47 16.32
C LEU A 388 -2.87 -4.84 16.28
N LYS A 389 -1.98 -3.90 16.58
CA LYS A 389 -0.55 -4.19 16.72
C LYS A 389 0.04 -4.77 15.43
N LEU A 390 -0.35 -4.19 14.30
CA LEU A 390 0.12 -4.69 12.98
C LEU A 390 1.56 -4.20 12.73
N THR A 391 2.23 -4.78 11.74
CA THR A 391 3.62 -4.37 11.40
C THR A 391 3.66 -3.97 9.92
N PRO A 392 3.12 -2.79 9.54
CA PRO A 392 3.21 -2.32 8.16
C PRO A 392 4.61 -1.77 7.88
N TYR A 393 5.58 -2.67 7.67
CA TYR A 393 6.98 -2.24 7.44
C TYR A 393 7.08 -1.49 6.11
N LYS A 394 7.97 -0.49 6.05
CA LYS A 394 8.11 0.30 4.83
C LYS A 394 8.68 -0.54 3.68
N VAL A 395 8.13 -0.34 2.49
CA VAL A 395 8.70 -0.86 1.26
C VAL A 395 8.75 0.26 0.24
N LEU A 396 9.91 0.45 -0.39
CA LEU A 396 10.05 1.47 -1.43
C LEU A 396 10.87 0.88 -2.58
N ALA A 397 10.26 0.79 -3.75
CA ALA A 397 10.96 0.46 -4.99
C ALA A 397 11.74 1.68 -5.48
N THR A 398 13.05 1.53 -5.67
CA THR A 398 13.87 2.60 -6.22
C THR A 398 14.15 2.39 -7.69
N SER A 399 13.60 1.33 -8.26
CA SER A 399 13.68 0.95 -9.65
C SER A 399 12.71 -0.21 -9.85
N THR A 400 12.50 -0.58 -11.10
CA THR A 400 11.80 -1.84 -11.29
C THR A 400 12.67 -3.03 -10.92
N LYS A 401 13.95 -2.79 -10.61
CA LYS A 401 14.92 -3.86 -10.37
C LYS A 401 15.59 -3.81 -9.00
N HIS A 402 15.24 -2.85 -8.13
CA HIS A 402 15.84 -2.82 -6.79
C HIS A 402 14.99 -1.95 -5.89
N GLY A 403 15.23 -2.08 -4.58
CA GLY A 403 14.48 -1.30 -3.63
C GLY A 403 14.84 -1.65 -2.21
N PHE A 404 14.19 -0.95 -1.30
CA PHE A 404 14.43 -1.01 0.13
C PHE A 404 13.23 -1.59 0.85
N MET A 405 13.51 -2.23 1.96
CA MET A 405 12.49 -2.62 2.92
C MET A 405 13.04 -2.33 4.30
N GLN A 406 12.16 -1.84 5.17
CA GLN A 406 12.49 -1.65 6.56
C GLN A 406 12.68 -3.01 7.23
N PHE A 407 13.82 -3.22 7.88
CA PHE A 407 14.07 -4.50 8.59
C PHE A 407 13.40 -4.48 9.96
N ILE A 408 12.61 -5.50 10.28
CA ILE A 408 11.96 -5.59 11.62
C ILE A 408 12.61 -6.75 12.39
N GLN A 409 13.11 -6.49 13.60
CA GLN A 409 13.67 -7.59 14.43
C GLN A 409 12.56 -8.62 14.64
N SER A 410 12.81 -9.88 14.30
CA SER A 410 11.74 -10.88 14.35
C SER A 410 12.34 -12.26 14.03
N VAL A 411 11.51 -13.29 14.21
CA VAL A 411 11.95 -14.65 13.90
C VAL A 411 10.81 -15.40 13.21
N PRO A 412 11.08 -16.13 12.13
CA PRO A 412 9.99 -16.85 11.44
C PRO A 412 9.40 -17.92 12.36
N VAL A 413 8.09 -18.14 12.24
CA VAL A 413 7.45 -19.15 13.07
C VAL A 413 8.09 -20.51 12.84
N ALA A 414 8.52 -20.79 11.61
CA ALA A 414 9.15 -22.08 11.35
C ALA A 414 10.38 -22.28 12.23
N GLU A 415 11.14 -21.21 12.47
CA GLU A 415 12.32 -21.32 13.32
C GLU A 415 11.92 -21.41 14.79
N VAL A 416 10.86 -20.70 15.20
CA VAL A 416 10.32 -20.88 16.55
C VAL A 416 10.00 -22.35 16.80
N LEU A 417 9.27 -22.98 15.88
CA LEU A 417 8.93 -24.39 16.07
C LEU A 417 10.18 -25.27 16.04
N ASP A 418 11.18 -24.91 15.24
CA ASP A 418 12.36 -25.75 15.15
C ASP A 418 13.16 -25.72 16.45
N THR A 419 13.23 -24.56 17.10
CA THR A 419 14.09 -24.36 18.26
C THR A 419 13.36 -24.42 19.59
N GLU A 420 12.18 -23.82 19.72
CA GLU A 420 11.46 -23.83 20.97
C GLU A 420 10.26 -24.79 20.98
N GLY A 421 9.83 -25.27 19.81
CA GLY A 421 8.79 -26.27 19.75
C GLY A 421 7.38 -25.73 19.64
N SER A 422 7.17 -24.45 19.91
CA SER A 422 5.81 -23.92 19.92
C SER A 422 5.83 -22.42 20.20
N ILE A 423 4.85 -21.71 19.65
CA ILE A 423 4.75 -20.28 19.92
C ILE A 423 4.63 -20.03 21.42
N GLN A 424 3.89 -20.88 22.13
CA GLN A 424 3.73 -20.67 23.56
C GLN A 424 5.06 -20.83 24.29
N ASN A 425 5.85 -21.83 23.93
CA ASN A 425 7.18 -21.97 24.52
C ASN A 425 8.01 -20.72 24.29
N PHE A 426 8.04 -20.25 23.04
CA PHE A 426 8.75 -19.02 22.71
C PHE A 426 8.36 -17.89 23.67
N PHE A 427 7.06 -17.61 23.80
CA PHE A 427 6.61 -16.54 24.67
C PHE A 427 7.02 -16.78 26.11
N ARG A 428 6.95 -18.03 26.58
CA ARG A 428 7.31 -18.31 27.96
C ARG A 428 8.81 -18.16 28.20
N LYS A 429 9.63 -18.20 27.15
CA LYS A 429 11.07 -18.07 27.29
C LYS A 429 11.51 -16.61 27.31
N TYR A 430 10.85 -15.74 26.53
CA TYR A 430 11.26 -14.35 26.43
C TYR A 430 10.34 -13.37 27.14
N ALA A 431 9.18 -13.81 27.61
CA ALA A 431 8.25 -12.90 28.28
C ALA A 431 7.39 -13.64 29.28
N PRO A 432 7.98 -14.30 30.27
CA PRO A 432 7.20 -15.07 31.25
C PRO A 432 6.50 -14.17 32.27
N SER A 433 5.57 -14.79 33.01
CA SER A 433 4.76 -14.10 34.00
C SER A 433 4.07 -15.14 34.88
N GLU A 434 4.45 -15.22 36.15
CA GLU A 434 3.86 -16.22 37.04
C GLU A 434 2.34 -16.21 36.92
N ASN A 435 1.73 -15.03 37.08
CA ASN A 435 0.27 -14.89 37.05
C ASN A 435 -0.25 -14.49 35.67
N GLY A 436 0.60 -14.50 34.64
CA GLY A 436 0.16 -14.21 33.30
C GLY A 436 -0.52 -15.41 32.66
N PRO A 437 -1.26 -15.20 31.57
CA PRO A 437 -1.95 -16.32 30.91
C PRO A 437 -0.96 -17.35 30.39
N ASN A 438 -1.10 -18.58 30.88
CA ASN A 438 -0.26 -19.69 30.44
C ASN A 438 1.20 -19.48 30.81
N GLY A 439 1.44 -18.66 31.84
CA GLY A 439 2.79 -18.24 32.17
C GLY A 439 3.39 -17.22 31.25
N ILE A 440 2.59 -16.60 30.39
CA ILE A 440 3.07 -15.59 29.45
C ILE A 440 2.55 -14.22 29.87
N SER A 441 3.42 -13.21 29.73
CA SER A 441 3.05 -11.83 29.94
C SER A 441 1.70 -11.52 29.31
N ALA A 442 0.76 -11.07 30.14
CA ALA A 442 -0.54 -10.65 29.60
C ALA A 442 -0.38 -9.59 28.51
N GLU A 443 0.60 -8.69 28.64
CA GLU A 443 0.83 -7.70 27.60
C GLU A 443 1.20 -8.38 26.28
N VAL A 444 2.13 -9.34 26.33
CA VAL A 444 2.55 -10.03 25.12
C VAL A 444 1.40 -10.85 24.53
N MET A 445 0.63 -11.52 25.39
CA MET A 445 -0.49 -12.31 24.89
C MET A 445 -1.55 -11.45 24.20
N ASP A 446 -1.81 -10.25 24.74
CA ASP A 446 -2.80 -9.36 24.12
C ASP A 446 -2.33 -8.83 22.78
N THR A 447 -1.02 -8.60 22.64
CA THR A 447 -0.43 -8.19 21.37
C THR A 447 -0.53 -9.30 20.33
N TYR A 448 -0.38 -10.56 20.75
CA TYR A 448 -0.41 -11.67 19.82
C TYR A 448 -1.83 -11.94 19.32
N VAL A 449 -2.82 -11.92 20.23
CA VAL A 449 -4.20 -12.14 19.81
C VAL A 449 -4.63 -11.06 18.81
N LYS A 450 -4.33 -9.80 19.11
CA LYS A 450 -4.74 -8.72 18.21
C LYS A 450 -4.06 -8.83 16.85
N SER A 451 -2.73 -9.04 16.83
CA SER A 451 -2.07 -9.06 15.53
C SER A 451 -2.50 -10.27 14.69
N CYS A 452 -2.78 -11.41 15.35
CA CYS A 452 -3.38 -12.55 14.65
C CYS A 452 -4.71 -12.17 14.03
N ALA A 453 -5.60 -11.57 14.82
CA ALA A 453 -6.90 -11.16 14.28
C ALA A 453 -6.71 -10.19 13.11
N GLY A 454 -5.85 -9.18 13.29
CA GLY A 454 -5.65 -8.20 12.23
C GLY A 454 -5.17 -8.84 10.94
N TYR A 455 -4.17 -9.73 11.04
CA TYR A 455 -3.62 -10.30 9.82
C TYR A 455 -4.55 -11.33 9.21
N CYS A 456 -5.31 -12.06 10.02
CA CYS A 456 -6.30 -12.98 9.48
C CYS A 456 -7.33 -12.25 8.62
N VAL A 457 -7.75 -11.06 9.06
CA VAL A 457 -8.75 -10.33 8.30
C VAL A 457 -8.12 -9.70 7.07
N ILE A 458 -6.95 -9.08 7.24
CA ILE A 458 -6.35 -8.32 6.15
C ILE A 458 -5.88 -9.24 5.03
N THR A 459 -5.26 -10.37 5.37
CA THR A 459 -4.82 -11.27 4.31
C THR A 459 -6.01 -11.96 3.64
N TYR A 460 -7.08 -12.24 4.39
CA TYR A 460 -8.30 -12.71 3.75
C TYR A 460 -8.81 -11.70 2.72
N ILE A 461 -8.96 -10.44 3.12
CA ILE A 461 -9.49 -9.42 2.20
C ILE A 461 -8.60 -9.29 0.95
N LEU A 462 -7.27 -9.27 1.15
CA LEU A 462 -6.35 -9.14 0.02
C LEU A 462 -6.05 -10.47 -0.67
N GLY A 463 -6.63 -11.57 -0.21
CA GLY A 463 -6.43 -12.85 -0.88
C GLY A 463 -4.98 -13.25 -1.00
N VAL A 464 -4.18 -13.03 0.04
CA VAL A 464 -2.77 -13.38 0.01
C VAL A 464 -2.62 -14.90 0.04
N GLY A 465 -1.75 -15.44 -0.83
CA GLY A 465 -1.50 -16.87 -0.88
C GLY A 465 -0.07 -17.25 -0.52
N ASP A 466 0.24 -18.51 -0.76
CA ASP A 466 1.58 -19.04 -0.48
C ASP A 466 2.01 -18.79 0.96
N ARG A 467 1.09 -19.00 1.89
CA ARG A 467 1.33 -18.77 3.30
C ARG A 467 1.93 -20.02 3.93
N HIS A 468 3.13 -19.90 4.52
CA HIS A 468 3.78 -21.00 5.24
C HIS A 468 4.53 -20.41 6.42
N LEU A 469 5.12 -21.28 7.24
CA LEU A 469 5.69 -20.83 8.51
C LEU A 469 7.01 -20.08 8.34
N ASP A 470 7.52 -19.98 7.11
CA ASP A 470 8.68 -19.15 6.83
C ASP A 470 8.32 -17.73 6.48
N ASN A 471 7.09 -17.43 6.07
CA ASN A 471 6.73 -16.03 5.85
C ASN A 471 5.67 -15.57 6.83
N LEU A 472 5.55 -16.26 7.96
CA LEU A 472 4.86 -15.80 9.15
C LEU A 472 5.93 -15.51 10.20
N LEU A 473 5.98 -14.27 10.67
CA LEU A 473 7.06 -13.81 11.54
C LEU A 473 6.57 -13.37 12.93
N LEU A 474 7.47 -13.47 13.91
CA LEU A 474 7.08 -13.24 15.29
C LEU A 474 8.11 -12.34 15.99
N THR A 475 7.64 -11.51 16.92
CA THR A 475 8.53 -10.73 17.77
C THR A 475 8.38 -11.18 19.24
N LYS A 476 9.41 -10.88 20.03
CA LYS A 476 9.39 -11.17 21.45
C LYS A 476 8.33 -10.34 22.18
N THR A 477 7.90 -9.23 21.61
CA THR A 477 6.79 -8.46 22.18
C THR A 477 5.43 -9.07 21.87
N GLY A 478 5.38 -10.16 21.10
CA GLY A 478 4.13 -10.82 20.78
C GLY A 478 3.52 -10.48 19.45
N LYS A 479 4.18 -9.65 18.64
CA LYS A 479 3.63 -9.29 17.33
C LYS A 479 3.84 -10.42 16.33
N LEU A 480 2.76 -10.82 15.67
CA LEU A 480 2.81 -11.72 14.53
C LEU A 480 2.51 -10.90 13.29
N PHE A 481 3.22 -11.20 12.20
CA PHE A 481 2.95 -10.48 10.97
C PHE A 481 3.45 -11.31 9.79
N HIS A 482 3.01 -10.93 8.59
CA HIS A 482 3.37 -11.70 7.36
C HIS A 482 4.37 -10.95 6.50
N ILE A 483 5.04 -11.65 5.58
CA ILE A 483 6.02 -11.02 4.67
C ILE A 483 5.97 -11.74 3.32
N ASP A 484 6.71 -11.25 2.32
CA ASP A 484 6.78 -11.91 0.99
C ASP A 484 5.38 -12.06 0.38
N PHE A 485 4.87 -11.00 -0.23
CA PHE A 485 3.54 -11.04 -0.83
C PHE A 485 3.63 -11.28 -2.33
N GLY A 486 4.24 -12.40 -2.71
CA GLY A 486 4.35 -12.73 -4.11
C GLY A 486 3.09 -13.31 -4.72
N TYR A 487 2.12 -13.68 -3.90
CA TYR A 487 0.87 -14.29 -4.34
C TYR A 487 -0.29 -13.56 -3.65
N ILE A 488 -1.07 -12.80 -4.42
CA ILE A 488 -2.15 -11.99 -3.87
C ILE A 488 -3.40 -12.15 -4.73
N LEU A 489 -4.48 -11.51 -4.29
CA LEU A 489 -5.75 -11.52 -5.02
C LEU A 489 -6.13 -12.92 -5.44
N GLY A 490 -5.90 -13.89 -4.56
CA GLY A 490 -6.40 -15.22 -4.76
C GLY A 490 -5.49 -16.17 -5.50
N ARG A 491 -4.38 -15.69 -6.03
CA ARG A 491 -3.45 -16.63 -6.65
C ARG A 491 -2.71 -17.39 -5.54
N ASP A 492 -2.41 -18.66 -5.83
CA ASP A 492 -1.76 -19.51 -4.85
C ASP A 492 -1.05 -20.64 -5.58
N PRO A 493 0.10 -21.11 -5.09
CA PRO A 493 0.72 -22.28 -5.70
C PRO A 493 -0.17 -23.50 -5.68
N LYS A 494 -0.99 -23.67 -4.65
CA LYS A 494 -1.86 -24.84 -4.60
C LYS A 494 -3.29 -24.51 -5.06
N PRO A 495 -4.01 -25.46 -5.63
CA PRO A 495 -5.42 -25.22 -5.92
C PRO A 495 -6.27 -25.51 -4.70
N LEU A 496 -7.35 -24.75 -4.57
CA LEU A 496 -8.24 -24.91 -3.42
C LEU A 496 -7.56 -24.51 -2.11
N PRO A 497 -6.93 -23.33 -2.05
CA PRO A 497 -6.38 -22.88 -0.77
C PRO A 497 -7.50 -22.48 0.19
N PRO A 498 -7.25 -22.56 1.51
CA PRO A 498 -8.30 -22.18 2.46
C PRO A 498 -8.50 -20.68 2.47
N PRO A 499 -9.73 -20.20 2.68
CA PRO A 499 -9.98 -18.76 2.56
C PRO A 499 -9.42 -17.97 3.71
N MET A 500 -9.50 -18.50 4.93
CA MET A 500 -8.89 -17.89 6.11
C MET A 500 -7.49 -18.45 6.27
N LYS A 501 -6.48 -17.57 6.19
CA LYS A 501 -5.08 -17.97 6.33
C LYS A 501 -4.76 -18.09 7.83
N LEU A 502 -5.30 -19.15 8.43
CA LEU A 502 -5.13 -19.46 9.85
C LEU A 502 -4.67 -20.90 9.97
N ASN A 503 -3.69 -21.17 10.85
CA ASN A 503 -3.12 -22.51 10.97
C ASN A 503 -3.07 -22.98 12.43
N LYS A 504 -2.71 -24.26 12.61
CA LYS A 504 -2.76 -24.84 13.94
C LYS A 504 -1.71 -24.25 14.87
N GLU A 505 -0.61 -23.73 14.34
CA GLU A 505 0.42 -23.18 15.22
C GLU A 505 -0.02 -21.87 15.84
N MET A 506 -0.79 -21.06 15.10
CA MET A 506 -1.30 -19.80 15.64
C MET A 506 -2.31 -20.05 16.74
N VAL A 507 -3.22 -20.99 16.51
CA VAL A 507 -4.28 -21.26 17.48
C VAL A 507 -3.71 -21.86 18.75
N GLU A 508 -2.73 -22.76 18.63
CA GLU A 508 -2.07 -23.25 19.85
C GLU A 508 -1.31 -22.12 20.52
N GLY A 509 -0.78 -21.18 19.74
CA GLY A 509 -0.07 -20.04 20.31
C GLY A 509 -0.93 -19.23 21.26
N MET A 510 -2.23 -19.12 20.98
CA MET A 510 -3.11 -18.37 21.86
C MET A 510 -3.88 -19.27 22.81
N GLY A 511 -3.43 -20.50 23.01
CA GLY A 511 -4.00 -21.36 24.02
C GLY A 511 -5.03 -22.36 23.54
N GLY A 512 -5.22 -22.50 22.23
CA GLY A 512 -6.19 -23.45 21.73
C GLY A 512 -7.57 -22.85 21.69
N THR A 513 -8.52 -23.65 21.19
CA THR A 513 -9.83 -23.09 20.86
C THR A 513 -10.78 -23.05 22.05
N GLN A 514 -10.41 -23.60 23.20
CA GLN A 514 -11.24 -23.48 24.40
C GLN A 514 -10.81 -22.31 25.30
N SER A 515 -9.88 -21.46 24.84
CA SER A 515 -9.29 -20.44 25.68
C SER A 515 -10.03 -19.11 25.57
N GLU A 516 -9.93 -18.31 26.65
CA GLU A 516 -10.41 -16.94 26.58
C GLU A 516 -9.75 -16.16 25.46
N GLN A 517 -8.49 -16.48 25.14
CA GLN A 517 -7.80 -15.77 24.07
C GLN A 517 -8.46 -16.01 22.73
N TYR A 518 -8.83 -17.27 22.44
CA TYR A 518 -9.46 -17.55 21.16
C TYR A 518 -10.76 -16.78 21.01
N GLN A 519 -11.57 -16.75 22.07
CA GLN A 519 -12.76 -15.92 22.06
C GLN A 519 -12.40 -14.47 21.73
N GLU A 520 -11.42 -13.91 22.44
CA GLU A 520 -11.01 -12.54 22.16
C GLU A 520 -10.57 -12.41 20.72
N PHE A 521 -9.75 -13.35 20.25
CA PHE A 521 -9.31 -13.33 18.87
C PHE A 521 -10.49 -13.31 17.90
N ARG A 522 -11.51 -14.14 18.16
CA ARG A 522 -12.66 -14.16 17.28
C ARG A 522 -13.36 -12.80 17.28
N LYS A 523 -13.55 -12.20 18.45
CA LYS A 523 -14.22 -10.91 18.52
C LYS A 523 -13.41 -9.83 17.80
N GLN A 524 -12.08 -9.83 17.99
CA GLN A 524 -11.25 -8.86 17.28
C GLN A 524 -11.36 -9.05 15.77
N CYS A 525 -11.55 -10.28 15.31
CA CYS A 525 -11.74 -10.52 13.88
C CYS A 525 -13.05 -9.90 13.38
N TYR A 526 -14.15 -10.10 14.11
CA TYR A 526 -15.43 -9.51 13.74
C TYR A 526 -15.34 -7.99 13.70
N THR A 527 -14.75 -7.40 14.73
CA THR A 527 -14.63 -5.95 14.78
C THR A 527 -13.86 -5.43 13.57
N ALA A 528 -12.67 -5.99 13.33
CA ALA A 528 -11.86 -5.56 12.20
C ALA A 528 -12.63 -5.63 10.89
N PHE A 529 -13.28 -6.79 10.64
CA PHE A 529 -14.02 -6.97 9.40
C PHE A 529 -15.13 -5.92 9.23
N LEU A 530 -15.86 -5.63 10.32
CA LEU A 530 -16.95 -4.67 10.21
C LEU A 530 -16.42 -3.26 9.98
N HIS A 531 -15.28 -2.91 10.58
CA HIS A 531 -14.73 -1.56 10.39
C HIS A 531 -14.24 -1.37 8.96
N LEU A 532 -13.43 -2.32 8.46
CA LEU A 532 -12.90 -2.22 7.10
C LEU A 532 -14.01 -2.26 6.05
N ARG A 533 -15.08 -3.02 6.29
CA ARG A 533 -16.26 -2.97 5.44
C ARG A 533 -16.78 -1.55 5.30
N ARG A 534 -16.75 -0.79 6.41
CA ARG A 534 -17.23 0.60 6.35
C ARG A 534 -16.35 1.45 5.45
N TYR A 535 -15.13 1.00 5.15
CA TYR A 535 -14.24 1.71 4.25
C TYR A 535 -14.10 1.03 2.90
N SER A 536 -15.10 0.22 2.50
CA SER A 536 -14.95 -0.54 1.26
C SER A 536 -14.88 0.39 0.05
N ASN A 537 -15.66 1.48 0.03
CA ASN A 537 -15.58 2.42 -1.10
C ASN A 537 -14.16 2.93 -1.29
N LEU A 538 -13.53 3.44 -0.22
CA LEU A 538 -12.16 3.92 -0.36
C LEU A 538 -11.22 2.82 -0.83
N ILE A 539 -11.29 1.63 -0.22
CA ILE A 539 -10.35 0.59 -0.59
C ILE A 539 -10.59 0.10 -2.02
N LEU A 540 -11.85 -0.11 -2.39
CA LEU A 540 -12.16 -0.49 -3.77
C LEU A 540 -11.72 0.60 -4.75
N ASN A 541 -11.94 1.87 -4.41
CA ASN A 541 -11.50 2.97 -5.26
C ASN A 541 -10.00 2.93 -5.51
N LEU A 542 -9.21 2.77 -4.45
CA LEU A 542 -7.77 2.74 -4.64
C LEU A 542 -7.37 1.59 -5.56
N PHE A 543 -7.93 0.39 -5.34
CA PHE A 543 -7.61 -0.73 -6.22
C PHE A 543 -8.01 -0.45 -7.65
N SER A 544 -9.12 0.28 -7.87
CA SER A 544 -9.50 0.57 -9.24
C SER A 544 -8.52 1.51 -9.93
N LEU A 545 -7.73 2.27 -9.17
CA LEU A 545 -6.68 3.07 -9.78
C LEU A 545 -5.44 2.24 -10.15
N MET A 546 -5.38 0.99 -9.71
CA MET A 546 -4.24 0.12 -9.93
C MET A 546 -4.41 -0.88 -11.08
N VAL A 547 -5.55 -0.89 -11.77
CA VAL A 547 -5.83 -2.00 -12.69
C VAL A 547 -4.92 -2.00 -13.92
N ASP A 548 -4.32 -0.87 -14.30
CA ASP A 548 -3.36 -0.85 -15.40
C ASP A 548 -1.90 -0.88 -14.93
N ALA A 549 -1.65 -1.09 -13.65
CA ALA A 549 -0.26 -1.07 -13.18
C ALA A 549 0.47 -2.36 -13.59
N ASN A 550 1.80 -2.23 -13.72
N ASN A 550 1.80 -2.24 -13.72
CA ASN A 550 2.68 -3.37 -13.98
CA ASN A 550 2.63 -3.41 -14.02
C ASN A 550 2.94 -4.09 -12.65
C ASN A 550 2.93 -4.12 -12.69
N ILE A 551 1.89 -4.69 -12.12
CA ILE A 551 1.94 -5.48 -10.89
C ILE A 551 1.48 -6.88 -11.24
N PRO A 552 2.31 -7.91 -11.10
CA PRO A 552 2.00 -9.21 -11.75
C PRO A 552 0.63 -9.77 -11.38
N ASP A 553 0.27 -9.80 -10.11
CA ASP A 553 -1.00 -10.46 -9.80
C ASP A 553 -2.22 -9.64 -10.21
N ILE A 554 -2.04 -8.37 -10.56
CA ILE A 554 -3.11 -7.57 -11.16
C ILE A 554 -3.14 -7.72 -12.67
N ALA A 555 -1.96 -7.67 -13.31
CA ALA A 555 -1.90 -7.74 -14.78
C ALA A 555 -2.40 -9.10 -15.30
N LEU A 556 -2.48 -10.11 -14.44
CA LEU A 556 -3.03 -11.41 -14.83
C LEU A 556 -4.51 -11.30 -15.20
N GLU A 557 -5.26 -10.45 -14.48
CA GLU A 557 -6.71 -10.30 -14.68
C GLU A 557 -7.11 -8.88 -14.32
N PRO A 558 -6.62 -7.89 -15.06
CA PRO A 558 -6.91 -6.50 -14.67
C PRO A 558 -8.42 -6.25 -14.48
N ASP A 559 -9.27 -6.91 -15.27
CA ASP A 559 -10.70 -6.65 -15.22
C ASP A 559 -11.42 -7.39 -14.09
N LYS A 560 -10.76 -8.33 -13.42
CA LYS A 560 -11.34 -9.06 -12.30
C LYS A 560 -10.74 -8.66 -10.96
N THR A 561 -9.80 -7.72 -10.95
CA THR A 561 -9.06 -7.38 -9.74
C THR A 561 -9.96 -6.77 -8.67
N VAL A 562 -10.69 -5.70 -9.00
CA VAL A 562 -11.50 -5.03 -7.99
C VAL A 562 -12.57 -5.98 -7.45
N LYS A 563 -13.26 -6.68 -8.35
CA LYS A 563 -14.27 -7.65 -7.94
C LYS A 563 -13.69 -8.67 -6.95
N LYS A 564 -12.46 -9.14 -7.19
CA LYS A 564 -11.84 -10.09 -6.28
C LYS A 564 -11.79 -9.53 -4.86
N VAL A 565 -11.50 -8.23 -4.71
CA VAL A 565 -11.47 -7.60 -3.39
C VAL A 565 -12.88 -7.29 -2.91
N GLN A 566 -13.74 -6.81 -3.82
CA GLN A 566 -15.11 -6.46 -3.48
C GLN A 566 -15.85 -7.65 -2.86
N ASP A 567 -15.77 -8.83 -3.51
CA ASP A 567 -16.44 -10.03 -2.99
C ASP A 567 -16.05 -10.33 -1.54
N LYS A 568 -14.78 -10.11 -1.18
CA LYS A 568 -14.34 -10.46 0.17
C LYS A 568 -15.09 -9.65 1.25
N PHE A 569 -15.52 -8.43 0.93
CA PHE A 569 -16.25 -7.64 1.91
C PHE A 569 -17.67 -8.17 2.16
N ARG A 570 -18.21 -8.99 1.27
CA ARG A 570 -19.57 -9.49 1.41
C ARG A 570 -20.51 -8.33 1.73
N LEU A 571 -20.39 -7.26 0.94
CA LEU A 571 -21.27 -6.11 1.11
C LEU A 571 -22.75 -6.44 1.01
N ASP A 572 -23.07 -7.68 0.60
CA ASP A 572 -24.49 -8.12 0.47
C ASP A 572 -25.06 -8.47 1.84
N LEU A 573 -24.21 -8.68 2.84
CA LEU A 573 -24.65 -9.06 4.17
C LEU A 573 -24.80 -7.84 5.05
N SER A 574 -25.82 -7.85 5.91
CA SER A 574 -25.89 -6.85 6.96
C SER A 574 -24.74 -7.05 7.93
N ASP A 575 -24.57 -6.10 8.86
CA ASP A 575 -23.52 -6.26 9.87
C ASP A 575 -23.75 -7.52 10.68
N GLU A 576 -24.98 -7.71 11.17
CA GLU A 576 -25.34 -8.95 11.87
C GLU A 576 -24.91 -10.17 11.05
N GLU A 577 -25.31 -10.21 9.77
CA GLU A 577 -24.98 -11.35 8.93
C GLU A 577 -23.47 -11.45 8.67
N ALA A 578 -22.80 -10.31 8.49
CA ALA A 578 -21.36 -10.34 8.25
C ALA A 578 -20.63 -10.99 9.42
N VAL A 579 -21.08 -10.74 10.64
CA VAL A 579 -20.40 -11.28 11.81
C VAL A 579 -20.55 -12.80 11.87
N HIS A 580 -21.77 -13.30 11.59
CA HIS A 580 -21.97 -14.74 11.49
C HIS A 580 -21.07 -15.36 10.43
N TYR A 581 -21.02 -14.73 9.25
CA TYR A 581 -20.19 -15.23 8.16
C TYR A 581 -18.72 -15.33 8.59
N MET A 582 -18.18 -14.25 9.15
CA MET A 582 -16.82 -14.25 9.64
C MET A 582 -16.61 -15.29 10.74
N GLN A 583 -17.64 -15.55 11.56
CA GLN A 583 -17.54 -16.61 12.56
C GLN A 583 -17.40 -17.97 11.88
N SER A 584 -18.20 -18.23 10.86
N SER A 584 -18.22 -18.23 10.87
CA SER A 584 -18.09 -19.50 10.14
CA SER A 584 -18.11 -19.49 10.13
C SER A 584 -16.80 -19.60 9.36
C SER A 584 -16.75 -19.59 9.43
N LEU A 585 -16.28 -18.48 8.84
CA LEU A 585 -15.01 -18.51 8.15
C LEU A 585 -13.89 -18.97 9.06
N ILE A 586 -13.91 -18.54 10.32
CA ILE A 586 -12.89 -18.93 11.29
C ILE A 586 -13.09 -20.36 11.76
N ASP A 587 -14.32 -20.70 12.15
CA ASP A 587 -14.61 -22.06 12.63
C ASP A 587 -14.35 -23.09 11.54
N GLU A 588 -14.81 -22.82 10.31
CA GLU A 588 -14.57 -23.74 9.20
C GLU A 588 -13.08 -23.91 8.93
N SER A 589 -12.34 -22.80 8.93
CA SER A 589 -10.89 -22.88 8.81
C SER A 589 -10.29 -23.66 9.98
N VAL A 590 -10.78 -23.41 11.19
CA VAL A 590 -10.29 -24.15 12.36
C VAL A 590 -10.67 -25.61 12.25
N HIS A 591 -11.94 -25.89 11.97
CA HIS A 591 -12.41 -27.29 11.86
C HIS A 591 -11.51 -28.04 10.88
N ALA A 592 -11.10 -27.38 9.80
CA ALA A 592 -10.26 -27.99 8.79
C ALA A 592 -8.80 -28.13 9.23
N LEU A 593 -8.37 -27.42 10.27
CA LEU A 593 -6.96 -27.43 10.66
C LEU A 593 -6.68 -28.62 11.58
#